data_1UDE
#
_entry.id   1UDE
#
_cell.length_a   71.827
_cell.length_b   86.687
_cell.length_c   92.823
_cell.angle_alpha   90.00
_cell.angle_beta   90.00
_cell.angle_gamma   90.00
#
_symmetry.space_group_name_H-M   'P 21 21 2'
#
loop_
_entity.id
_entity.type
_entity.pdbx_description
1 polymer 'Inorganic pyrophosphatase'
2 water water
#
_entity_poly.entity_id   1
_entity_poly.type   'polypeptide(L)'
_entity_poly.pdbx_seq_one_letter_code
;HHHHHHSSGLVPRGSHMMNPFHDLEPGPNVPEVVYALIEIPKGSRNKYELDKETGLLKLDRVLYTPFHYPVDYGIIPRTW
YEDGDPFDIMVIMREPTYPLTIIEARPIGLFKMIDSGDKDYKVLAVPVEDPYFKDWKDISDVPKAFLDEIAHFFKRYKEL
EGKEIIVEGWEGAEAAKREILRAIEMYKEKFGKKE
;
_entity_poly.pdbx_strand_id   A,B,C
#
# COMPACT_ATOMS: atom_id res chain seq x y z
N PHE A 21 -11.87 -9.91 -4.52
CA PHE A 21 -11.98 -8.43 -4.40
C PHE A 21 -12.79 -7.85 -5.54
N HIS A 22 -13.77 -8.62 -6.02
CA HIS A 22 -14.65 -8.15 -7.10
C HIS A 22 -16.13 -8.37 -6.81
N ASP A 23 -16.53 -7.94 -5.62
CA ASP A 23 -17.90 -8.06 -5.19
C ASP A 23 -18.46 -6.65 -5.36
N LEU A 24 -17.56 -5.73 -5.73
CA LEU A 24 -17.91 -4.32 -5.96
C LEU A 24 -18.47 -4.17 -7.38
N GLU A 25 -19.24 -3.11 -7.60
CA GLU A 25 -19.87 -2.86 -8.89
C GLU A 25 -19.00 -2.07 -9.83
N PRO A 26 -19.39 -2.00 -11.10
CA PRO A 26 -18.64 -1.25 -12.12
C PRO A 26 -18.48 0.25 -11.77
N GLY A 27 -19.23 0.72 -10.77
CA GLY A 27 -19.12 2.12 -10.34
C GLY A 27 -20.44 2.85 -10.16
N PRO A 28 -20.44 4.19 -9.93
CA PRO A 28 -21.69 4.96 -9.75
C PRO A 28 -22.55 4.89 -11.00
N ASN A 29 -23.01 5.99 -11.58
CA ASN A 29 -23.80 5.71 -12.78
C ASN A 29 -22.95 5.22 -13.97
N VAL A 30 -22.82 3.90 -14.04
CA VAL A 30 -22.00 3.21 -15.02
C VAL A 30 -21.47 3.91 -16.24
N PRO A 31 -22.34 4.49 -17.03
CA PRO A 31 -21.70 5.12 -18.18
C PRO A 31 -20.75 6.25 -17.78
N GLU A 32 -21.33 7.39 -17.44
CA GLU A 32 -20.64 8.60 -17.06
C GLU A 32 -19.56 8.55 -15.96
N VAL A 33 -19.66 7.59 -15.03
CA VAL A 33 -18.66 7.53 -13.96
C VAL A 33 -18.51 6.12 -13.50
N VAL A 34 -17.29 5.62 -13.48
CA VAL A 34 -17.08 4.26 -13.01
C VAL A 34 -16.08 4.26 -11.85
N TYR A 35 -15.82 3.07 -11.31
CA TYR A 35 -14.80 2.87 -10.27
C TYR A 35 -13.54 2.32 -10.97
N ALA A 36 -12.38 2.77 -10.54
CA ALA A 36 -11.17 2.24 -11.12
C ALA A 36 -10.35 1.70 -9.92
N LEU A 37 -10.13 0.40 -9.86
CA LEU A 37 -9.40 -0.21 -8.77
C LEU A 37 -8.02 -0.24 -9.33
N ILE A 38 -7.12 0.51 -8.71
CA ILE A 38 -5.79 0.59 -9.22
C ILE A 38 -4.99 -0.62 -8.89
N GLU A 39 -4.03 -0.90 -9.76
CA GLU A 39 -3.10 -1.99 -9.59
C GLU A 39 -1.71 -1.38 -9.68
N ILE A 40 -1.53 -0.40 -10.55
CA ILE A 40 -0.19 0.19 -10.72
C ILE A 40 -0.14 1.71 -10.52
N PRO A 41 0.47 2.15 -9.41
CA PRO A 41 0.53 3.60 -9.19
C PRO A 41 1.45 4.25 -10.22
N LYS A 42 1.05 5.42 -10.71
CA LYS A 42 1.87 6.18 -11.65
C LYS A 42 3.29 6.22 -11.10
N GLY A 43 4.24 6.25 -12.03
CA GLY A 43 5.67 6.32 -11.76
C GLY A 43 6.28 5.02 -11.32
N SER A 44 5.59 3.91 -11.46
CA SER A 44 6.16 2.64 -11.00
C SER A 44 6.78 1.81 -12.15
N ARG A 45 7.86 1.10 -11.85
CA ARG A 45 8.49 0.26 -12.86
C ARG A 45 8.13 -1.26 -12.63
N ASN A 46 7.65 -1.57 -11.44
CA ASN A 46 7.21 -2.91 -11.11
C ASN A 46 5.78 -2.96 -11.66
N LYS A 47 5.42 -4.04 -12.37
CA LYS A 47 4.08 -4.19 -12.94
C LYS A 47 3.27 -5.10 -12.03
N TYR A 48 2.23 -4.55 -11.43
CA TYR A 48 1.42 -5.32 -10.50
C TYR A 48 0.04 -5.60 -11.07
N GLU A 49 -0.41 -6.84 -10.90
CA GLU A 49 -1.74 -7.26 -11.33
C GLU A 49 -2.57 -7.70 -10.13
N LEU A 50 -3.89 -7.73 -10.34
CA LEU A 50 -4.82 -8.09 -9.29
C LEU A 50 -5.07 -9.57 -9.39
N ASP A 51 -4.42 -10.33 -8.51
CA ASP A 51 -4.54 -11.78 -8.46
C ASP A 51 -5.98 -12.30 -8.60
N LYS A 52 -6.10 -13.43 -9.30
CA LYS A 52 -7.40 -14.03 -9.54
C LYS A 52 -8.07 -14.40 -8.21
N GLU A 53 -7.70 -15.58 -7.71
CA GLU A 53 -8.25 -16.08 -6.47
C GLU A 53 -8.07 -15.12 -5.29
N THR A 54 -6.83 -14.98 -4.83
CA THR A 54 -6.50 -14.12 -3.68
C THR A 54 -7.16 -12.74 -3.67
N GLY A 55 -6.99 -12.01 -4.76
CA GLY A 55 -7.53 -10.67 -4.79
C GLY A 55 -6.36 -9.76 -4.45
N LEU A 56 -5.42 -10.28 -3.66
CA LEU A 56 -4.28 -9.50 -3.23
C LEU A 56 -3.33 -9.08 -4.36
N LEU A 57 -2.37 -8.20 -4.05
CA LEU A 57 -1.42 -7.68 -5.01
C LEU A 57 -0.48 -8.72 -5.52
N LYS A 58 -0.17 -8.70 -6.82
CA LYS A 58 0.74 -9.65 -7.39
C LYS A 58 1.79 -8.97 -8.25
N LEU A 59 3.06 -9.22 -7.95
CA LEU A 59 4.14 -8.68 -8.77
C LEU A 59 4.11 -9.44 -10.12
N ASP A 60 3.44 -8.84 -11.12
CA ASP A 60 3.31 -9.42 -12.46
C ASP A 60 4.67 -9.52 -13.14
N ARG A 61 5.46 -8.45 -13.00
CA ARG A 61 6.81 -8.41 -13.57
C ARG A 61 7.48 -7.07 -13.49
N VAL A 62 8.80 -7.08 -13.72
CA VAL A 62 9.62 -5.88 -13.66
C VAL A 62 9.88 -5.48 -15.10
N LEU A 63 9.26 -4.40 -15.57
CA LEU A 63 9.47 -4.00 -16.96
C LEU A 63 10.93 -4.14 -17.35
N TYR A 64 11.16 -4.67 -18.55
CA TYR A 64 12.48 -4.90 -19.10
C TYR A 64 13.25 -3.65 -19.53
N THR A 65 12.62 -2.47 -19.48
CA THR A 65 13.21 -1.19 -19.87
C THR A 65 12.85 -0.11 -18.89
N PRO A 66 13.71 0.91 -18.74
CA PRO A 66 13.48 2.03 -17.81
C PRO A 66 12.24 2.91 -18.00
N PHE A 67 11.09 2.26 -18.15
CA PHE A 67 9.81 2.96 -18.30
C PHE A 67 9.17 2.92 -16.96
N HIS A 68 8.31 3.89 -16.68
CA HIS A 68 7.54 3.99 -15.43
C HIS A 68 6.16 4.30 -15.95
N TYR A 69 5.11 3.68 -15.40
CA TYR A 69 3.76 3.95 -15.90
C TYR A 69 3.50 5.43 -15.76
N PRO A 70 2.82 6.00 -16.78
CA PRO A 70 2.51 7.42 -16.82
C PRO A 70 1.15 7.77 -16.37
N VAL A 71 0.45 6.79 -15.81
CA VAL A 71 -0.87 7.03 -15.28
C VAL A 71 -1.13 6.06 -14.12
N ASP A 72 -2.30 6.13 -13.49
CA ASP A 72 -2.60 5.11 -12.49
C ASP A 72 -3.37 4.02 -13.28
N TYR A 73 -2.76 2.86 -13.46
CA TYR A 73 -3.37 1.78 -14.23
C TYR A 73 -4.11 0.81 -13.31
N GLY A 74 -5.29 0.35 -13.76
CA GLY A 74 -6.08 -0.61 -13.00
C GLY A 74 -7.20 -1.32 -13.76
N ILE A 75 -8.24 -1.72 -13.05
CA ILE A 75 -9.35 -2.39 -13.74
C ILE A 75 -10.70 -1.93 -13.28
N ILE A 76 -11.69 -2.06 -14.15
CA ILE A 76 -13.05 -1.69 -13.84
C ILE A 76 -13.70 -2.95 -13.28
N PRO A 77 -14.19 -2.90 -12.04
CA PRO A 77 -14.85 -4.05 -11.38
C PRO A 77 -16.04 -4.63 -12.16
N ARG A 78 -16.15 -5.96 -12.15
CA ARG A 78 -17.25 -6.66 -12.84
C ARG A 78 -17.24 -6.41 -14.37
N THR A 79 -16.09 -6.53 -15.02
CA THR A 79 -16.07 -6.30 -16.47
C THR A 79 -15.17 -7.30 -17.10
N TRP A 80 -15.50 -7.67 -18.33
CA TRP A 80 -14.72 -8.68 -19.06
C TRP A 80 -14.62 -8.20 -20.50
N TYR A 81 -13.39 -8.17 -21.01
CA TYR A 81 -13.15 -7.73 -22.36
C TYR A 81 -12.74 -8.86 -23.26
N GLU A 82 -12.74 -8.55 -24.56
CA GLU A 82 -12.40 -9.47 -25.66
C GLU A 82 -11.40 -10.59 -25.32
N ASP A 83 -10.17 -10.19 -25.02
CA ASP A 83 -9.12 -11.14 -24.66
C ASP A 83 -9.58 -12.16 -23.64
N GLY A 84 -10.08 -11.66 -22.51
CA GLY A 84 -10.52 -12.55 -21.46
C GLY A 84 -9.79 -12.12 -20.22
N ASP A 85 -10.03 -10.86 -19.81
CA ASP A 85 -9.41 -10.26 -18.63
C ASP A 85 -10.28 -9.04 -18.42
N PRO A 86 -10.29 -8.50 -17.19
CA PRO A 86 -11.08 -7.31 -16.87
C PRO A 86 -10.83 -6.16 -17.83
N PHE A 87 -11.82 -5.29 -17.98
CA PHE A 87 -11.63 -4.13 -18.86
C PHE A 87 -10.63 -3.14 -18.17
N ASP A 88 -9.47 -2.87 -18.78
CA ASP A 88 -8.47 -2.00 -18.15
C ASP A 88 -8.73 -0.51 -18.19
N ILE A 89 -8.41 0.20 -17.10
CA ILE A 89 -8.66 1.64 -17.09
C ILE A 89 -7.43 2.48 -16.69
N MET A 90 -7.29 3.68 -17.25
CA MET A 90 -6.14 4.55 -16.97
C MET A 90 -6.61 5.82 -16.40
N VAL A 91 -6.20 6.10 -15.16
CA VAL A 91 -6.68 7.33 -14.51
C VAL A 91 -5.52 8.25 -14.41
N ILE A 92 -5.66 9.44 -14.99
CA ILE A 92 -4.64 10.49 -15.00
C ILE A 92 -4.78 11.05 -13.62
N MET A 93 -3.65 10.99 -12.93
CA MET A 93 -3.54 11.38 -11.54
C MET A 93 -2.29 12.27 -11.31
N ARG A 94 -2.46 13.43 -10.69
CA ARG A 94 -1.31 14.28 -10.41
C ARG A 94 -0.39 13.55 -9.43
N GLU A 95 -0.93 13.13 -8.29
CA GLU A 95 -0.16 12.43 -7.26
C GLU A 95 -0.63 10.99 -7.28
N PRO A 96 0.27 10.07 -7.57
CA PRO A 96 -0.11 8.67 -7.62
C PRO A 96 -0.82 8.21 -6.37
N THR A 97 -1.65 7.16 -6.53
CA THR A 97 -2.39 6.52 -5.42
C THR A 97 -1.82 5.09 -5.14
N TYR A 98 -2.23 4.47 -4.03
CA TYR A 98 -1.72 3.13 -3.66
C TYR A 98 -2.38 1.97 -4.37
N PRO A 99 -1.61 0.94 -4.71
CA PRO A 99 -2.27 -0.19 -5.39
C PRO A 99 -3.46 -0.68 -4.56
N LEU A 100 -4.61 -0.78 -5.20
CA LEU A 100 -5.84 -1.28 -4.62
C LEU A 100 -6.78 -0.22 -4.10
N THR A 101 -6.44 1.05 -4.25
CA THR A 101 -7.41 2.01 -3.84
C THR A 101 -8.47 2.19 -4.99
N ILE A 102 -9.71 2.48 -4.59
CA ILE A 102 -10.80 2.72 -5.51
C ILE A 102 -10.86 4.20 -5.89
N ILE A 103 -11.14 4.45 -7.15
CA ILE A 103 -11.22 5.79 -7.63
C ILE A 103 -12.40 6.02 -8.57
N GLU A 104 -13.16 7.06 -8.27
CA GLU A 104 -14.29 7.40 -9.11
C GLU A 104 -13.78 8.14 -10.36
N ALA A 105 -13.62 7.38 -11.43
CA ALA A 105 -13.10 7.93 -12.68
C ALA A 105 -14.17 8.30 -13.69
N ARG A 106 -13.87 9.33 -14.47
CA ARG A 106 -14.73 9.84 -15.53
C ARG A 106 -14.04 9.61 -16.89
N PRO A 107 -14.52 8.62 -17.64
CA PRO A 107 -13.88 8.37 -18.95
C PRO A 107 -13.87 9.58 -19.88
N ILE A 108 -12.88 9.65 -20.77
CA ILE A 108 -12.76 10.75 -21.74
C ILE A 108 -12.12 10.24 -23.03
N GLY A 109 -11.91 8.94 -23.09
CA GLY A 109 -11.30 8.41 -24.29
C GLY A 109 -11.04 6.94 -24.21
N LEU A 110 -10.77 6.38 -25.37
CA LEU A 110 -10.47 4.96 -25.50
C LEU A 110 -9.17 4.75 -26.28
N PHE A 111 -8.25 4.01 -25.66
CA PHE A 111 -7.01 3.65 -26.29
C PHE A 111 -7.12 2.29 -27.03
N LYS A 112 -6.91 2.33 -28.34
CA LYS A 112 -7.00 1.11 -29.14
C LYS A 112 -5.62 0.54 -29.44
N MET A 113 -5.33 -0.63 -28.90
CA MET A 113 -4.05 -1.24 -29.16
C MET A 113 -4.27 -2.75 -29.29
N ILE A 114 -3.46 -3.42 -30.14
CA ILE A 114 -3.54 -4.87 -30.33
C ILE A 114 -2.30 -5.59 -29.79
N ASP A 115 -2.43 -6.26 -28.67
CA ASP A 115 -1.32 -7.00 -28.15
C ASP A 115 -1.35 -8.42 -28.70
N SER A 116 -0.47 -8.83 -29.34
CA SER A 116 -0.29 -10.21 -29.83
C SER A 116 -1.59 -10.96 -30.10
N GLY A 117 -2.21 -10.53 -31.19
CA GLY A 117 -3.52 -11.09 -31.57
C GLY A 117 -4.74 -10.56 -30.79
N ASP A 118 -4.56 -10.12 -29.54
CA ASP A 118 -5.69 -9.67 -28.70
C ASP A 118 -6.08 -8.21 -28.87
N LYS A 119 -7.37 -7.97 -28.93
CA LYS A 119 -7.84 -6.61 -29.04
C LYS A 119 -7.81 -6.13 -27.60
N ASP A 120 -6.70 -5.54 -27.19
CA ASP A 120 -6.48 -5.02 -25.82
C ASP A 120 -6.75 -3.50 -25.66
N TYR A 121 -8.01 -3.13 -25.55
CA TYR A 121 -8.36 -1.72 -25.41
C TYR A 121 -8.31 -1.21 -23.97
N LYS A 122 -8.10 0.10 -23.79
CA LYS A 122 -8.07 0.72 -22.45
C LYS A 122 -8.85 2.01 -22.42
N VAL A 123 -9.44 2.28 -21.26
CA VAL A 123 -10.19 3.51 -21.06
C VAL A 123 -9.28 4.62 -20.54
N LEU A 124 -9.49 5.84 -21.00
CA LEU A 124 -8.70 6.92 -20.47
C LEU A 124 -9.69 7.64 -19.57
N ALA A 125 -9.50 7.55 -18.27
CA ALA A 125 -10.43 8.21 -17.34
C ALA A 125 -9.72 9.24 -16.51
N VAL A 126 -10.46 10.20 -16.02
CA VAL A 126 -9.90 11.23 -15.17
C VAL A 126 -10.59 11.17 -13.79
N PRO A 127 -9.98 11.74 -12.71
CA PRO A 127 -10.57 11.71 -11.36
C PRO A 127 -11.75 12.63 -11.26
N VAL A 128 -12.82 12.13 -10.67
CA VAL A 128 -14.01 12.95 -10.54
C VAL A 128 -13.70 13.94 -9.44
N GLU A 129 -13.00 13.44 -8.43
CA GLU A 129 -12.63 14.23 -7.27
C GLU A 129 -11.35 15.06 -7.28
N ASP A 130 -10.94 15.60 -8.43
CA ASP A 130 -9.76 16.49 -8.56
C ASP A 130 -10.19 17.54 -9.57
N PRO A 131 -10.40 18.78 -9.12
CA PRO A 131 -10.84 19.94 -9.93
C PRO A 131 -9.93 20.26 -11.07
N TYR A 132 -8.67 19.92 -10.83
CA TYR A 132 -7.69 20.19 -11.87
C TYR A 132 -8.24 19.78 -13.22
N PHE A 133 -8.90 18.61 -13.27
CA PHE A 133 -9.43 18.01 -14.49
C PHE A 133 -10.89 18.30 -14.71
N LYS A 134 -11.36 19.32 -14.02
CA LYS A 134 -12.75 19.73 -14.12
C LYS A 134 -13.25 19.77 -15.56
N ASP A 135 -12.45 20.32 -16.46
CA ASP A 135 -12.89 20.45 -17.85
C ASP A 135 -12.35 19.46 -18.83
N TRP A 136 -11.89 18.33 -18.32
CA TRP A 136 -11.39 17.26 -19.16
C TRP A 136 -12.55 16.29 -19.31
N LYS A 137 -13.37 16.52 -20.32
CA LYS A 137 -14.50 15.67 -20.58
C LYS A 137 -14.23 14.75 -21.74
N ASP A 138 -13.37 15.16 -22.67
CA ASP A 138 -13.10 14.31 -23.83
C ASP A 138 -11.64 14.28 -24.29
N ILE A 139 -11.33 13.30 -25.11
CA ILE A 139 -10.00 13.15 -25.61
C ILE A 139 -9.44 14.41 -26.27
N SER A 140 -10.31 15.29 -26.71
CA SER A 140 -9.85 16.49 -27.38
C SER A 140 -9.32 17.51 -26.35
N ASP A 141 -9.58 17.24 -25.07
CA ASP A 141 -9.12 18.14 -23.99
C ASP A 141 -7.73 17.76 -23.48
N VAL A 142 -7.27 16.57 -23.83
CA VAL A 142 -5.98 16.14 -23.37
C VAL A 142 -4.83 16.67 -24.23
N PRO A 143 -3.76 17.17 -23.59
CA PRO A 143 -2.64 17.68 -24.36
C PRO A 143 -2.14 16.53 -25.25
N LYS A 144 -2.09 16.75 -26.57
CA LYS A 144 -1.62 15.74 -27.52
C LYS A 144 -0.28 15.10 -27.17
N ALA A 145 0.59 15.80 -26.45
CA ALA A 145 1.86 15.17 -26.09
C ALA A 145 1.63 13.98 -25.11
N PHE A 146 0.76 14.23 -24.12
CA PHE A 146 0.47 13.24 -23.10
C PHE A 146 -0.08 11.99 -23.74
N LEU A 147 -1.04 12.17 -24.62
CA LEU A 147 -1.61 11.05 -25.36
C LEU A 147 -0.47 10.37 -26.12
N ASP A 148 0.41 11.18 -26.71
CA ASP A 148 1.53 10.57 -27.42
C ASP A 148 2.45 9.75 -26.52
N GLU A 149 2.74 10.24 -25.32
CA GLU A 149 3.66 9.51 -24.43
C GLU A 149 2.97 8.25 -23.96
N ILE A 150 1.64 8.27 -23.98
CA ILE A 150 0.91 7.11 -23.53
C ILE A 150 0.99 5.92 -24.49
N ALA A 151 0.78 6.19 -25.78
CA ALA A 151 0.81 5.18 -26.82
C ALA A 151 2.24 4.70 -27.03
N HIS A 152 3.20 5.59 -26.88
CA HIS A 152 4.59 5.22 -27.12
C HIS A 152 5.01 4.22 -26.07
N PHE A 153 4.56 4.46 -24.86
CA PHE A 153 4.83 3.61 -23.73
C PHE A 153 4.39 2.15 -24.01
N PHE A 154 3.15 1.97 -24.49
CA PHE A 154 2.64 0.60 -24.74
C PHE A 154 3.28 0.03 -25.99
N LYS A 155 3.45 0.91 -26.97
CA LYS A 155 4.03 0.53 -28.21
C LYS A 155 5.38 -0.15 -28.02
N ARG A 156 6.09 0.26 -26.98
CA ARG A 156 7.44 -0.24 -26.78
C ARG A 156 7.80 -0.93 -25.49
N TYR A 157 7.06 -0.65 -24.41
CA TYR A 157 7.39 -1.22 -23.09
C TYR A 157 7.59 -2.72 -23.01
N LYS A 158 7.13 -3.46 -24.03
CA LYS A 158 7.31 -4.92 -24.07
C LYS A 158 8.32 -5.38 -25.15
N GLU A 159 8.69 -4.46 -26.05
CA GLU A 159 9.61 -4.77 -27.13
C GLU A 159 10.62 -5.75 -26.65
N LEU A 160 11.43 -5.39 -25.66
CA LEU A 160 12.43 -6.35 -25.19
C LEU A 160 11.89 -7.73 -24.84
N GLU A 161 10.70 -7.82 -24.26
CA GLU A 161 10.10 -9.11 -23.89
C GLU A 161 9.82 -10.04 -25.09
N GLY A 162 9.92 -9.50 -26.29
CA GLY A 162 9.66 -10.33 -27.46
C GLY A 162 8.29 -10.09 -28.08
N LYS A 163 7.39 -9.47 -27.32
CA LYS A 163 6.06 -9.19 -27.81
C LYS A 163 6.10 -7.88 -28.55
N GLU A 164 5.56 -7.89 -29.77
CA GLU A 164 5.50 -6.67 -30.56
C GLU A 164 4.03 -6.23 -30.51
N ILE A 165 3.81 -4.95 -30.19
CA ILE A 165 2.47 -4.41 -30.04
C ILE A 165 2.20 -3.27 -30.99
N ILE A 166 1.08 -3.33 -31.71
CA ILE A 166 0.73 -2.29 -32.65
C ILE A 166 -0.30 -1.37 -32.02
N VAL A 167 -0.14 -0.06 -32.23
CA VAL A 167 -1.07 0.91 -31.71
C VAL A 167 -1.99 1.34 -32.82
N GLU A 168 -3.28 1.53 -32.49
CA GLU A 168 -4.27 1.90 -33.49
C GLU A 168 -4.72 3.35 -33.40
N GLY A 169 -4.75 3.92 -32.20
CA GLY A 169 -5.19 5.30 -32.10
C GLY A 169 -6.06 5.59 -30.88
N TRP A 170 -6.90 6.62 -31.00
CA TRP A 170 -7.77 6.98 -29.89
C TRP A 170 -9.20 7.19 -30.35
N GLU A 171 -10.14 7.20 -29.42
CA GLU A 171 -11.54 7.48 -29.70
C GLU A 171 -11.97 8.25 -28.43
N GLY A 172 -12.98 9.12 -28.54
CA GLY A 172 -13.45 9.89 -27.40
C GLY A 172 -14.25 9.14 -26.33
N ALA A 173 -14.78 9.94 -25.39
CA ALA A 173 -15.55 9.44 -24.25
C ALA A 173 -16.74 8.55 -24.55
N GLU A 174 -17.57 8.96 -25.50
CA GLU A 174 -18.72 8.18 -25.95
C GLU A 174 -18.22 6.76 -26.26
N ALA A 175 -17.20 6.68 -27.11
CA ALA A 175 -16.66 5.38 -27.43
C ALA A 175 -16.30 4.65 -26.13
N ALA A 176 -15.42 5.26 -25.35
CA ALA A 176 -15.02 4.70 -24.08
C ALA A 176 -16.18 4.03 -23.35
N LYS A 177 -17.25 4.78 -23.16
CA LYS A 177 -18.42 4.30 -22.43
C LYS A 177 -19.18 3.17 -23.15
N ARG A 178 -19.25 3.25 -24.48
CA ARG A 178 -19.94 2.23 -25.26
C ARG A 178 -19.29 0.92 -24.94
N GLU A 179 -17.97 0.98 -24.81
CA GLU A 179 -17.19 -0.20 -24.50
C GLU A 179 -17.32 -0.61 -23.04
N ILE A 180 -17.46 0.38 -22.18
CA ILE A 180 -17.60 0.10 -20.77
C ILE A 180 -18.81 -0.81 -20.62
N LEU A 181 -19.92 -0.41 -21.25
CA LEU A 181 -21.18 -1.20 -21.19
C LEU A 181 -20.94 -2.62 -21.58
N ARG A 182 -20.50 -2.77 -22.82
CA ARG A 182 -20.23 -4.06 -23.39
C ARG A 182 -19.37 -4.88 -22.46
N ALA A 183 -18.38 -4.26 -21.83
CA ALA A 183 -17.53 -5.04 -20.91
C ALA A 183 -18.33 -5.55 -19.71
N ILE A 184 -19.25 -4.71 -19.24
CA ILE A 184 -20.05 -5.07 -18.09
C ILE A 184 -20.93 -6.24 -18.46
N GLU A 185 -21.53 -6.16 -19.64
CA GLU A 185 -22.39 -7.22 -20.14
C GLU A 185 -21.63 -8.51 -20.36
N MET A 186 -20.34 -8.42 -20.68
CA MET A 186 -19.61 -9.66 -20.87
C MET A 186 -19.28 -10.34 -19.52
N TYR A 187 -19.19 -9.58 -18.42
CA TYR A 187 -18.90 -10.19 -17.13
C TYR A 187 -19.91 -11.34 -16.96
N LYS A 188 -21.16 -11.05 -17.31
CA LYS A 188 -22.22 -12.05 -17.29
C LYS A 188 -22.10 -12.99 -18.55
N PHE B 21 -14.26 -6.81 5.09
CA PHE B 21 -15.13 -6.43 6.23
C PHE B 21 -14.18 -5.84 7.23
N HIS B 22 -14.54 -5.67 8.50
CA HIS B 22 -13.47 -5.21 9.36
C HIS B 22 -13.37 -5.73 10.83
N ASP B 23 -14.44 -5.82 11.62
CA ASP B 23 -14.36 -6.42 12.99
C ASP B 23 -13.09 -6.43 13.91
N LEU B 24 -12.18 -5.47 13.76
CA LEU B 24 -10.98 -5.38 14.58
C LEU B 24 -11.40 -4.66 15.86
N GLU B 25 -10.53 -4.56 16.86
CA GLU B 25 -10.88 -3.87 18.11
C GLU B 25 -10.19 -2.53 18.41
N PRO B 26 -10.80 -1.72 19.30
CA PRO B 26 -10.29 -0.40 19.69
C PRO B 26 -8.81 -0.35 20.09
N GLY B 27 -8.27 -1.47 20.58
CA GLY B 27 -6.88 -1.51 20.98
C GLY B 27 -6.71 -2.20 22.31
N PRO B 28 -5.46 -2.30 22.83
CA PRO B 28 -5.10 -2.93 24.13
C PRO B 28 -5.67 -2.23 25.35
N ASN B 29 -4.80 -1.81 26.27
CA ASN B 29 -5.24 -1.04 27.42
C ASN B 29 -6.09 -0.09 26.68
N VAL B 30 -7.25 0.30 27.14
CA VAL B 30 -7.85 1.12 26.17
C VAL B 30 -7.54 2.60 26.17
N PRO B 31 -8.04 3.37 27.09
CA PRO B 31 -7.68 4.80 27.00
C PRO B 31 -6.20 5.02 26.92
N GLU B 32 -5.43 4.01 27.34
CA GLU B 32 -3.99 4.11 27.40
C GLU B 32 -3.38 3.87 26.06
N VAL B 33 -3.64 2.68 25.52
CA VAL B 33 -3.13 2.38 24.19
C VAL B 33 -4.30 2.10 23.31
N VAL B 34 -4.27 2.60 22.09
CA VAL B 34 -5.42 2.38 21.21
C VAL B 34 -4.91 1.98 19.84
N TYR B 35 -5.77 1.35 19.07
CA TYR B 35 -5.37 0.96 17.72
C TYR B 35 -5.69 2.08 16.77
N ALA B 36 -4.84 2.28 15.78
CA ALA B 36 -5.10 3.31 14.79
C ALA B 36 -5.05 2.71 13.36
N LEU B 37 -6.20 2.64 12.68
CA LEU B 37 -6.29 2.09 11.33
C LEU B 37 -6.12 3.28 10.43
N ILE B 38 -4.91 3.38 9.86
CA ILE B 38 -4.55 4.50 9.03
C ILE B 38 -5.15 4.54 7.65
N GLU B 39 -5.63 5.72 7.24
CA GLU B 39 -6.21 5.86 5.91
C GLU B 39 -5.33 6.74 5.08
N ILE B 40 -4.75 7.76 5.71
CA ILE B 40 -3.93 8.71 4.96
C ILE B 40 -2.56 8.92 5.57
N PRO B 41 -1.53 8.45 4.88
CA PRO B 41 -0.15 8.57 5.32
C PRO B 41 0.39 10.01 5.26
N LYS B 42 1.18 10.37 6.25
CA LYS B 42 1.76 11.69 6.28
C LYS B 42 2.37 11.95 4.90
N GLY B 43 2.25 13.21 4.47
CA GLY B 43 2.75 13.67 3.19
C GLY B 43 1.73 13.57 2.06
N SER B 44 0.55 13.04 2.28
CA SER B 44 -0.36 12.92 1.18
C SER B 44 -1.18 14.14 0.93
N ARG B 45 -1.36 14.45 -0.35
CA ARG B 45 -2.22 15.56 -0.78
C ARG B 45 -3.57 14.89 -1.13
N ASN B 46 -3.47 13.62 -1.52
CA ASN B 46 -4.63 12.75 -1.80
C ASN B 46 -5.31 12.33 -0.46
N LYS B 47 -6.57 12.70 -0.28
CA LYS B 47 -7.30 12.35 0.95
C LYS B 47 -8.05 11.05 0.70
N TYR B 48 -7.64 9.99 1.39
CA TYR B 48 -8.29 8.70 1.23
C TYR B 48 -9.32 8.48 2.31
N GLU B 49 -9.98 7.34 2.28
CA GLU B 49 -10.97 7.01 3.29
C GLU B 49 -11.28 5.51 3.22
N LEU B 50 -11.38 4.88 4.37
CA LEU B 50 -11.69 3.47 4.41
C LEU B 50 -13.14 3.33 4.01
N ASP B 51 -13.44 2.40 3.12
CA ASP B 51 -14.82 2.18 2.70
C ASP B 51 -15.56 1.23 3.66
N LYS B 52 -16.76 1.60 4.10
CA LYS B 52 -17.51 0.72 5.01
C LYS B 52 -18.27 -0.35 4.22
N GLU B 53 -18.69 0.00 3.02
CA GLU B 53 -19.40 -0.93 2.15
C GLU B 53 -18.42 -2.01 1.63
N THR B 54 -17.15 -1.65 1.41
CA THR B 54 -16.17 -2.61 0.91
C THR B 54 -15.09 -2.99 1.95
N GLY B 55 -14.47 -1.98 2.54
CA GLY B 55 -13.42 -2.20 3.50
C GLY B 55 -12.11 -1.97 2.79
N LEU B 56 -12.19 -1.40 1.59
CA LEU B 56 -11.01 -1.12 0.79
C LEU B 56 -10.78 0.38 0.73
N LEU B 57 -9.56 0.79 0.39
CA LEU B 57 -9.20 2.21 0.38
C LEU B 57 -9.76 2.87 -0.84
N LYS B 58 -10.43 4.00 -0.63
CA LYS B 58 -11.04 4.77 -1.71
C LYS B 58 -10.55 6.22 -1.67
N LEU B 59 -10.42 6.84 -2.82
CA LEU B 59 -10.00 8.23 -2.86
C LEU B 59 -11.18 9.20 -2.56
N ASP B 60 -11.09 9.91 -1.44
CA ASP B 60 -12.11 10.87 -1.08
C ASP B 60 -11.95 12.11 -2.03
N ARG B 61 -10.85 12.83 -1.92
CA ARG B 61 -10.62 13.89 -2.89
C ARG B 61 -9.15 14.29 -2.98
N VAL B 62 -8.79 15.09 -3.99
CA VAL B 62 -7.40 15.54 -3.94
C VAL B 62 -7.49 17.01 -3.44
N LEU B 63 -6.92 17.26 -2.25
CA LEU B 63 -6.94 18.60 -1.68
C LEU B 63 -6.74 19.67 -2.77
N TYR B 64 -7.65 20.65 -2.75
CA TYR B 64 -7.64 21.77 -3.70
C TYR B 64 -6.45 22.70 -3.51
N THR B 65 -5.66 22.47 -2.48
CA THR B 65 -4.50 23.29 -2.25
C THR B 65 -3.35 22.38 -1.87
N PRO B 66 -2.10 22.82 -2.16
CA PRO B 66 -0.88 22.09 -1.89
C PRO B 66 -0.53 21.77 -0.44
N PHE B 67 -1.54 21.35 0.30
CA PHE B 67 -1.30 20.94 1.66
C PHE B 67 -0.96 19.47 1.62
N HIS B 68 -0.09 19.03 2.54
CA HIS B 68 0.26 17.60 2.62
C HIS B 68 -0.07 17.12 4.02
N TYR B 69 -0.92 16.12 4.13
CA TYR B 69 -1.25 15.66 5.48
C TYR B 69 -0.02 15.64 6.38
N PRO B 70 -0.07 16.39 7.50
CA PRO B 70 1.02 16.52 8.46
C PRO B 70 1.30 15.37 9.35
N VAL B 71 0.41 14.39 9.29
CA VAL B 71 0.49 13.25 10.15
C VAL B 71 -0.18 12.06 9.50
N ASP B 72 -0.11 10.91 10.14
CA ASP B 72 -0.82 9.77 9.60
C ASP B 72 -2.20 9.90 10.16
N TYR B 73 -3.15 10.16 9.27
CA TYR B 73 -4.55 10.38 9.64
C TYR B 73 -5.22 9.07 9.48
N GLY B 74 -6.13 8.75 10.42
CA GLY B 74 -6.87 7.48 10.39
C GLY B 74 -8.06 7.39 11.36
N ILE B 75 -8.49 6.18 11.66
CA ILE B 75 -9.61 6.03 12.57
C ILE B 75 -9.27 4.98 13.61
N ILE B 76 -10.07 4.93 14.67
CA ILE B 76 -9.93 3.96 15.75
C ILE B 76 -11.05 2.95 15.56
N PRO B 77 -10.71 1.67 15.43
CA PRO B 77 -11.67 0.58 15.24
C PRO B 77 -12.89 0.59 16.18
N ARG B 78 -14.07 0.44 15.59
CA ARG B 78 -15.30 0.38 16.38
C ARG B 78 -15.45 1.48 17.42
N THR B 79 -15.68 2.69 16.92
CA THR B 79 -15.90 3.87 17.74
C THR B 79 -17.06 4.61 17.07
N TRP B 80 -17.86 5.29 17.87
CA TRP B 80 -18.96 6.00 17.27
C TRP B 80 -18.91 7.43 17.75
N TYR B 81 -18.39 8.31 16.86
CA TYR B 81 -18.34 9.73 17.09
C TYR B 81 -19.69 10.23 16.52
N GLU B 82 -20.59 10.41 17.46
CA GLU B 82 -21.94 10.70 17.23
C GLU B 82 -22.24 10.37 15.87
N ASP B 83 -23.06 11.15 15.32
CA ASP B 83 -23.58 10.30 14.38
C ASP B 83 -22.80 9.80 13.18
N GLY B 84 -22.49 8.48 13.18
CA GLY B 84 -21.85 7.76 12.06
C GLY B 84 -20.34 7.57 12.15
N ASP B 85 -19.64 8.32 11.32
CA ASP B 85 -18.20 8.32 11.24
C ASP B 85 -17.44 7.90 12.49
N PRO B 86 -16.38 7.10 12.34
CA PRO B 86 -15.65 6.62 13.50
C PRO B 86 -14.79 7.76 14.01
N PHE B 87 -14.26 7.59 15.21
CA PHE B 87 -13.43 8.61 15.81
C PHE B 87 -12.11 8.63 15.05
N ASP B 88 -11.75 9.79 14.52
CA ASP B 88 -10.51 9.98 13.77
C ASP B 88 -9.37 10.22 14.71
N ILE B 89 -8.20 9.74 14.32
CA ILE B 89 -7.01 9.82 15.16
C ILE B 89 -5.83 10.22 14.30
N MET B 90 -5.02 11.12 14.85
CA MET B 90 -3.87 11.60 14.12
C MET B 90 -2.69 11.05 14.82
N VAL B 91 -1.88 10.25 14.15
CA VAL B 91 -0.67 9.71 14.76
C VAL B 91 0.57 10.43 14.27
N ILE B 92 1.46 10.81 15.16
CA ILE B 92 2.63 11.53 14.73
C ILE B 92 3.60 10.43 14.37
N MET B 93 4.17 10.47 13.18
CA MET B 93 5.04 9.38 12.74
C MET B 93 6.18 10.05 11.98
N ARG B 94 7.42 9.62 12.26
CA ARG B 94 8.58 10.22 11.62
C ARG B 94 8.75 9.75 10.18
N GLU B 95 8.07 8.66 9.83
CA GLU B 95 8.08 8.05 8.50
C GLU B 95 6.64 7.49 8.34
N PRO B 96 5.92 7.93 7.29
CA PRO B 96 4.54 7.50 7.02
C PRO B 96 4.38 6.02 6.87
N THR B 97 3.24 5.51 7.30
CA THR B 97 2.94 4.09 7.21
C THR B 97 2.12 4.04 5.94
N TYR B 98 1.68 2.84 5.53
CA TYR B 98 0.86 2.64 4.32
C TYR B 98 -0.60 2.65 4.68
N PRO B 99 -1.43 3.04 3.72
CA PRO B 99 -2.85 3.05 4.06
C PRO B 99 -3.25 1.65 4.48
N LEU B 100 -4.27 1.56 5.33
CA LEU B 100 -4.76 0.30 5.93
C LEU B 100 -3.79 -0.37 6.93
N THR B 101 -2.84 0.36 7.46
CA THR B 101 -1.90 -0.19 8.45
C THR B 101 -2.38 0.08 9.90
N ILE B 102 -2.32 -0.91 10.79
CA ILE B 102 -2.72 -0.75 12.18
C ILE B 102 -1.53 -0.28 13.01
N ILE B 103 -1.75 0.72 13.85
CA ILE B 103 -0.73 1.25 14.73
C ILE B 103 -1.24 1.30 16.18
N GLU B 104 -0.38 0.90 17.11
CA GLU B 104 -0.71 0.98 18.52
C GLU B 104 -0.37 2.42 18.86
N ALA B 105 -1.39 3.16 19.30
CA ALA B 105 -1.22 4.55 19.60
C ALA B 105 -1.54 5.00 21.04
N ARG B 106 -0.67 5.87 21.53
CA ARG B 106 -0.81 6.44 22.85
C ARG B 106 -1.40 7.86 22.74
N PRO B 107 -2.70 8.01 23.02
CA PRO B 107 -3.31 9.34 22.93
C PRO B 107 -2.58 10.37 23.79
N ILE B 108 -2.51 11.62 23.32
CA ILE B 108 -1.86 12.66 24.09
C ILE B 108 -2.55 14.04 23.99
N GLY B 109 -3.65 14.06 23.24
CA GLY B 109 -4.36 15.30 23.03
C GLY B 109 -5.64 15.21 22.25
N LEU B 110 -6.41 16.27 22.32
CA LEU B 110 -7.68 16.35 21.59
C LEU B 110 -7.75 17.65 20.78
N PHE B 111 -7.70 17.54 19.47
CA PHE B 111 -7.82 18.75 18.66
C PHE B 111 -9.30 19.13 18.58
N LYS B 112 -9.64 20.35 18.96
CA LYS B 112 -11.03 20.75 18.97
C LYS B 112 -11.41 21.81 17.97
N MET B 113 -12.33 21.45 17.08
CA MET B 113 -12.81 22.40 16.10
C MET B 113 -14.30 22.14 15.81
N ILE B 114 -14.93 23.14 15.21
CA ILE B 114 -16.34 23.07 14.86
C ILE B 114 -16.51 23.23 13.35
N ASP B 115 -17.09 22.24 12.69
CA ASP B 115 -17.28 22.37 11.28
C ASP B 115 -18.64 23.03 11.05
N SER B 116 -19.67 22.29 10.68
CA SER B 116 -20.94 22.93 10.41
C SER B 116 -21.74 23.18 11.65
N GLY B 117 -21.15 23.95 12.56
CA GLY B 117 -21.79 24.26 13.82
C GLY B 117 -21.63 23.19 14.91
N ASP B 118 -20.97 22.08 14.60
CA ASP B 118 -20.78 21.01 15.57
C ASP B 118 -19.35 20.67 15.98
N LYS B 119 -19.21 20.06 17.15
CA LYS B 119 -17.88 19.66 17.57
C LYS B 119 -17.43 18.63 16.54
N ASP B 120 -16.14 18.66 16.21
CA ASP B 120 -15.53 17.75 15.23
C ASP B 120 -14.10 17.49 15.73
N TYR B 121 -14.02 17.12 16.99
CA TYR B 121 -12.75 16.83 17.61
C TYR B 121 -12.03 15.65 16.96
N LYS B 122 -10.74 15.53 17.24
CA LYS B 122 -9.92 14.43 16.73
C LYS B 122 -8.86 14.08 17.77
N VAL B 123 -8.50 12.81 17.82
CA VAL B 123 -7.49 12.36 18.78
C VAL B 123 -6.07 12.56 18.22
N LEU B 124 -5.26 13.32 18.94
CA LEU B 124 -3.86 13.49 18.57
C LEU B 124 -3.12 12.42 19.41
N ALA B 125 -2.57 11.42 18.75
CA ALA B 125 -1.86 10.35 19.47
C ALA B 125 -0.41 10.26 19.01
N VAL B 126 0.30 9.26 19.47
CA VAL B 126 1.72 9.13 19.15
C VAL B 126 2.06 7.63 19.17
N PRO B 127 3.01 7.22 18.36
CA PRO B 127 3.38 5.80 18.31
C PRO B 127 4.04 5.16 19.53
N VAL B 128 3.49 4.03 19.95
CA VAL B 128 4.07 3.31 21.09
C VAL B 128 5.46 2.76 20.72
N GLU B 129 5.51 2.07 19.58
CA GLU B 129 6.73 1.45 19.08
C GLU B 129 7.82 2.33 18.45
N ASP B 130 7.89 3.62 18.82
CA ASP B 130 8.95 4.52 18.33
C ASP B 130 9.49 5.35 19.50
N PRO B 131 10.57 4.89 20.14
CA PRO B 131 11.24 5.50 21.29
C PRO B 131 11.40 7.01 21.21
N TYR B 132 11.35 7.55 20.00
CA TYR B 132 11.48 8.98 19.84
C TYR B 132 10.42 9.69 20.68
N PHE B 133 9.21 9.14 20.67
CA PHE B 133 8.10 9.70 21.41
C PHE B 133 7.82 8.89 22.71
N LYS B 134 8.88 8.32 23.30
CA LYS B 134 8.66 7.55 24.51
C LYS B 134 8.20 8.47 25.65
N ASP B 135 8.80 9.65 25.73
CA ASP B 135 8.44 10.56 26.79
C ASP B 135 7.41 11.60 26.39
N TRP B 136 6.63 11.28 25.37
CA TRP B 136 5.58 12.20 24.94
C TRP B 136 4.28 11.66 25.50
N LYS B 137 3.60 12.44 26.34
CA LYS B 137 2.36 11.92 26.91
C LYS B 137 1.24 12.93 27.12
N ASP B 138 1.45 14.15 26.67
CA ASP B 138 0.41 15.16 26.82
C ASP B 138 0.71 16.37 25.97
N ILE B 139 -0.32 16.93 25.35
CA ILE B 139 -0.09 18.08 24.48
C ILE B 139 1.11 18.91 24.87
N SER B 140 1.29 19.18 26.16
CA SER B 140 2.44 20.01 26.53
C SER B 140 3.78 19.32 26.22
N ASP B 141 3.71 18.15 25.59
CA ASP B 141 4.90 17.41 25.18
C ASP B 141 5.13 17.58 23.66
N VAL B 142 4.30 18.37 22.99
CA VAL B 142 4.46 18.53 21.57
C VAL B 142 4.83 19.97 21.23
N PRO B 143 6.02 20.21 20.63
CA PRO B 143 6.40 21.60 20.31
C PRO B 143 5.15 22.33 19.87
N LYS B 144 5.06 23.62 20.17
CA LYS B 144 3.87 24.35 19.82
C LYS B 144 3.71 24.61 18.35
N ALA B 145 4.80 24.80 17.63
CA ALA B 145 4.72 25.08 16.18
C ALA B 145 4.04 23.96 15.45
N PHE B 146 4.22 22.73 15.94
CA PHE B 146 3.61 21.58 15.33
C PHE B 146 2.09 21.62 15.53
N LEU B 147 1.68 21.80 16.77
CA LEU B 147 0.27 21.85 17.02
C LEU B 147 -0.34 22.94 16.16
N ASP B 148 0.33 24.08 16.05
CA ASP B 148 -0.22 25.18 15.27
C ASP B 148 -0.26 24.78 13.80
N GLU B 149 0.66 23.90 13.40
CA GLU B 149 0.75 23.42 12.03
C GLU B 149 -0.44 22.48 11.71
N ILE B 150 -0.72 21.55 12.62
CA ILE B 150 -1.87 20.67 12.43
C ILE B 150 -3.18 21.52 12.42
N ALA B 151 -3.25 22.46 13.36
CA ALA B 151 -4.39 23.35 13.46
C ALA B 151 -4.54 24.19 12.20
N HIS B 152 -3.49 24.90 11.80
CA HIS B 152 -3.59 25.74 10.60
C HIS B 152 -4.01 24.95 9.38
N PHE B 153 -3.70 23.66 9.38
CA PHE B 153 -4.06 22.74 8.30
C PHE B 153 -5.60 22.55 8.15
N PHE B 154 -6.25 22.11 9.22
CA PHE B 154 -7.69 21.91 9.11
C PHE B 154 -8.43 23.23 8.89
N LYS B 155 -7.88 24.30 9.42
CA LYS B 155 -8.46 25.62 9.30
C LYS B 155 -8.50 26.09 7.84
N ARG B 156 -7.51 25.71 7.04
CA ARG B 156 -7.56 26.17 5.67
C ARG B 156 -7.61 25.15 4.58
N TYR B 157 -7.34 23.89 4.89
CA TYR B 157 -7.30 22.89 3.82
C TYR B 157 -8.58 22.67 3.01
N LYS B 158 -9.74 23.07 3.51
CA LYS B 158 -11.00 22.94 2.75
C LYS B 158 -11.61 24.32 2.32
N GLU B 159 -10.87 25.40 2.63
CA GLU B 159 -11.30 26.73 2.27
C GLU B 159 -11.71 26.89 0.79
N LEU B 160 -10.90 26.37 -0.14
CA LEU B 160 -11.26 26.47 -1.53
C LEU B 160 -12.45 25.57 -1.82
N GLU B 161 -12.82 24.74 -0.85
CA GLU B 161 -13.98 23.88 -1.03
C GLU B 161 -15.16 24.62 -0.44
N GLY B 162 -15.06 25.94 -0.36
CA GLY B 162 -16.15 26.75 0.17
C GLY B 162 -16.53 26.51 1.63
N LYS B 163 -15.66 25.84 2.38
CA LYS B 163 -15.92 25.57 3.79
C LYS B 163 -14.90 26.21 4.66
N GLU B 164 -15.38 26.81 5.74
CA GLU B 164 -14.51 27.45 6.69
C GLU B 164 -14.87 26.80 7.99
N ILE B 165 -13.89 26.61 8.85
CA ILE B 165 -14.18 25.96 10.12
C ILE B 165 -13.80 26.90 11.25
N ILE B 166 -14.25 26.62 12.46
CA ILE B 166 -13.87 27.45 13.59
C ILE B 166 -12.99 26.59 14.53
N VAL B 167 -11.77 27.04 14.80
CA VAL B 167 -10.87 26.25 15.65
C VAL B 167 -10.93 26.68 17.11
N GLU B 168 -11.11 25.74 18.01
CA GLU B 168 -11.21 26.09 19.43
C GLU B 168 -9.89 25.94 20.15
N GLY B 169 -9.21 24.82 19.98
CA GLY B 169 -7.94 24.64 20.64
C GLY B 169 -7.64 23.18 20.83
N TRP B 170 -6.84 22.86 21.84
CA TRP B 170 -6.50 21.48 22.13
C TRP B 170 -6.87 21.10 23.56
N GLU B 171 -6.74 19.83 23.91
CA GLU B 171 -7.01 19.38 25.26
C GLU B 171 -6.02 18.25 25.43
N GLY B 172 -5.59 18.00 26.65
CA GLY B 172 -4.58 16.99 26.92
C GLY B 172 -5.01 15.55 26.79
N ALA B 173 -4.19 14.65 27.31
CA ALA B 173 -4.51 13.21 27.22
C ALA B 173 -5.87 12.83 27.82
N GLU B 174 -6.06 13.06 29.11
CA GLU B 174 -7.31 12.71 29.76
C GLU B 174 -8.54 13.01 28.90
N ALA B 175 -8.67 14.23 28.40
CA ALA B 175 -9.82 14.51 27.55
C ALA B 175 -9.84 13.48 26.41
N ALA B 176 -8.70 13.33 25.74
CA ALA B 176 -8.65 12.36 24.66
C ALA B 176 -9.20 11.03 25.20
N LYS B 177 -8.52 10.46 26.18
CA LYS B 177 -8.92 9.17 26.75
C LYS B 177 -10.40 9.19 27.11
N ARG B 178 -10.81 10.32 27.68
CA ARG B 178 -12.20 10.56 28.08
C ARG B 178 -13.15 10.42 26.88
N GLU B 179 -12.85 11.13 25.81
CA GLU B 179 -13.68 11.04 24.61
C GLU B 179 -13.63 9.63 23.97
N ILE B 180 -12.43 9.03 23.90
CA ILE B 180 -12.28 7.68 23.33
C ILE B 180 -13.22 6.69 24.08
N LEU B 181 -12.99 6.52 25.37
CA LEU B 181 -13.82 5.61 26.16
C LEU B 181 -15.29 5.78 25.84
N ARG B 182 -15.70 7.03 25.72
CA ARG B 182 -17.08 7.36 25.40
C ARG B 182 -17.43 6.80 24.00
N ALA B 183 -16.85 7.42 22.98
CA ALA B 183 -17.04 7.03 21.59
C ALA B 183 -17.14 5.54 21.40
N ILE B 184 -16.43 4.80 22.25
CA ILE B 184 -16.42 3.34 22.20
C ILE B 184 -17.69 2.72 22.79
N GLU B 185 -18.05 3.17 23.99
CA GLU B 185 -19.23 2.66 24.68
C GLU B 185 -20.46 3.11 23.89
N MET B 186 -20.35 4.25 23.25
CA MET B 186 -21.42 4.79 22.42
C MET B 186 -21.59 3.85 21.23
N TYR B 187 -20.49 3.19 20.86
CA TYR B 187 -20.47 2.23 19.76
C TYR B 187 -21.10 0.90 20.20
N PHE C 21 -1.80 -14.19 5.70
CA PHE C 21 -1.97 -15.14 4.57
C PHE C 21 -3.09 -16.15 4.66
N HIS C 22 -3.81 -16.20 5.77
CA HIS C 22 -4.88 -17.19 5.87
C HIS C 22 -5.10 -17.96 4.53
N ASP C 23 -4.31 -18.99 4.23
CA ASP C 23 -4.59 -19.76 2.98
C ASP C 23 -4.03 -19.24 1.65
N LEU C 24 -3.06 -19.97 1.08
CA LEU C 24 -2.38 -19.59 -0.16
C LEU C 24 -1.21 -20.57 -0.37
N GLU C 25 -1.27 -21.26 -1.50
CA GLU C 25 -0.29 -22.27 -1.85
C GLU C 25 1.14 -21.73 -1.73
N PRO C 26 1.98 -22.26 -0.85
CA PRO C 26 3.38 -21.82 -0.66
C PRO C 26 4.20 -21.36 -1.90
N GLY C 27 3.91 -21.89 -3.10
CA GLY C 27 4.60 -21.59 -4.36
C GLY C 27 4.38 -22.76 -5.29
N PRO C 28 4.20 -22.50 -6.56
CA PRO C 28 3.96 -23.25 -7.80
C PRO C 28 5.09 -24.13 -8.34
N ASN C 29 6.16 -24.23 -7.62
CA ASN C 29 7.19 -25.09 -8.12
C ASN C 29 7.94 -25.74 -7.00
N VAL C 30 7.86 -25.04 -5.88
CA VAL C 30 8.56 -25.55 -4.75
C VAL C 30 10.01 -25.44 -5.06
N PRO C 31 10.85 -25.95 -4.16
CA PRO C 31 12.36 -25.87 -4.32
C PRO C 31 12.76 -24.49 -4.76
N GLU C 32 12.38 -24.29 -6.02
CA GLU C 32 12.64 -23.14 -6.82
C GLU C 32 11.51 -22.08 -6.74
N VAL C 33 10.71 -22.00 -7.78
CA VAL C 33 9.63 -21.01 -7.84
C VAL C 33 8.78 -20.99 -6.56
N VAL C 34 9.13 -20.12 -5.60
CA VAL C 34 8.43 -20.01 -4.30
C VAL C 34 7.54 -18.76 -4.24
N TYR C 35 6.54 -18.71 -3.35
CA TYR C 35 5.65 -17.52 -3.24
C TYR C 35 6.01 -16.59 -2.09
N ALA C 36 6.67 -15.48 -2.36
CA ALA C 36 7.03 -14.54 -1.31
C ALA C 36 5.95 -13.44 -1.05
N LEU C 37 5.45 -13.39 0.19
CA LEU C 37 4.41 -12.45 0.58
C LEU C 37 5.01 -11.37 1.48
N ILE C 38 5.61 -10.37 0.81
CA ILE C 38 6.30 -9.23 1.42
C ILE C 38 5.56 -8.52 2.55
N GLU C 39 6.33 -8.07 3.53
CA GLU C 39 5.80 -7.35 4.66
C GLU C 39 6.45 -5.96 4.76
N ILE C 40 7.77 -5.92 4.64
CA ILE C 40 8.50 -4.69 4.73
C ILE C 40 9.22 -4.35 3.44
N PRO C 41 8.69 -3.41 2.66
CA PRO C 41 9.36 -3.06 1.42
C PRO C 41 10.78 -2.46 1.63
N LYS C 42 11.71 -2.90 0.78
CA LYS C 42 13.09 -2.41 0.84
C LYS C 42 13.01 -0.91 0.99
N GLY C 43 13.96 -0.36 1.74
CA GLY C 43 14.02 1.08 1.96
C GLY C 43 13.29 1.51 3.22
N SER C 44 12.38 0.68 3.71
CA SER C 44 11.59 1.02 4.88
C SER C 44 12.35 0.95 6.19
N ARG C 45 11.99 1.82 7.14
CA ARG C 45 12.58 1.83 8.46
C ARG C 45 11.49 1.38 9.45
N ASN C 46 10.24 1.41 9.00
CA ASN C 46 9.16 0.97 9.84
C ASN C 46 9.17 -0.50 9.66
N LYS C 47 9.23 -1.25 10.75
CA LYS C 47 9.24 -2.73 10.69
C LYS C 47 7.78 -3.13 10.81
N TYR C 48 7.22 -3.62 9.70
CA TYR C 48 5.84 -4.03 9.69
C TYR C 48 5.75 -5.53 9.94
N GLU C 49 4.53 -6.02 10.17
CA GLU C 49 4.27 -7.43 10.42
C GLU C 49 2.85 -7.75 10.00
N LEU C 50 2.60 -9.00 9.65
CA LEU C 50 1.26 -9.40 9.27
C LEU C 50 0.54 -10.11 10.47
N ASP C 51 -0.68 -9.66 10.78
CA ASP C 51 -1.47 -10.30 11.81
C ASP C 51 -2.39 -11.41 11.20
N LYS C 52 -2.53 -12.52 11.92
CA LYS C 52 -3.35 -13.68 11.49
C LYS C 52 -4.84 -13.60 11.83
N GLU C 53 -5.13 -12.80 12.83
CA GLU C 53 -6.48 -12.63 13.33
C GLU C 53 -7.20 -11.59 12.51
N THR C 54 -6.44 -10.94 11.67
CA THR C 54 -7.01 -9.87 10.90
C THR C 54 -6.54 -10.10 9.49
N GLY C 55 -5.24 -10.01 9.24
CA GLY C 55 -4.77 -10.21 7.88
C GLY C 55 -4.45 -8.84 7.31
N LEU C 56 -4.51 -7.87 8.20
CA LEU C 56 -4.22 -6.51 7.84
C LEU C 56 -2.78 -6.23 8.17
N LEU C 57 -2.28 -5.14 7.60
CA LEU C 57 -0.91 -4.72 7.85
C LEU C 57 -0.87 -4.07 9.23
N LYS C 58 0.20 -4.32 9.97
CA LYS C 58 0.27 -3.77 11.30
C LYS C 58 1.69 -3.30 11.55
N LEU C 59 1.83 -2.12 12.15
CA LEU C 59 3.16 -1.59 12.50
C LEU C 59 3.69 -2.35 13.71
N ASP C 60 4.87 -2.93 13.57
CA ASP C 60 5.41 -3.71 14.66
C ASP C 60 6.38 -2.91 15.47
N ARG C 61 7.23 -2.15 14.80
CA ARG C 61 8.17 -1.35 15.52
C ARG C 61 8.87 -0.42 14.55
N VAL C 62 9.74 0.45 15.07
CA VAL C 62 10.53 1.36 14.25
C VAL C 62 12.04 1.19 14.56
N LEU C 63 12.75 0.49 13.69
CA LEU C 63 14.16 0.31 13.94
C LEU C 63 14.72 1.48 14.73
N TYR C 64 15.36 1.14 15.85
CA TYR C 64 15.92 2.14 16.72
C TYR C 64 17.11 2.85 16.11
N THR C 65 17.65 2.35 15.01
CA THR C 65 18.74 3.07 14.37
C THR C 65 18.25 3.51 12.99
N PRO C 66 18.99 4.39 12.32
CA PRO C 66 18.61 4.88 10.99
C PRO C 66 18.86 3.87 9.86
N PHE C 67 18.49 2.62 10.16
CA PHE C 67 18.68 1.51 9.27
C PHE C 67 17.46 1.37 8.43
N HIS C 68 17.68 1.04 7.16
CA HIS C 68 16.57 0.80 6.25
C HIS C 68 16.78 -0.60 5.71
N TYR C 69 15.70 -1.37 5.63
CA TYR C 69 15.80 -2.72 5.10
C TYR C 69 16.49 -2.72 3.73
N PRO C 70 17.41 -3.66 3.50
CA PRO C 70 18.14 -3.75 2.24
C PRO C 70 17.42 -4.57 1.15
N VAL C 71 16.31 -5.21 1.50
CA VAL C 71 15.57 -6.06 0.56
C VAL C 71 14.16 -6.08 1.02
N ASP C 72 13.23 -6.52 0.17
CA ASP C 72 11.84 -6.60 0.54
C ASP C 72 11.86 -7.78 1.45
N TYR C 73 11.21 -7.69 2.59
CA TYR C 73 11.18 -8.77 3.57
C TYR C 73 9.81 -9.43 3.68
N GLY C 74 9.77 -10.73 3.46
CA GLY C 74 8.49 -11.42 3.52
C GLY C 74 8.48 -12.83 4.10
N ILE C 75 7.37 -13.53 3.84
CA ILE C 75 7.20 -14.87 4.34
C ILE C 75 6.47 -15.75 3.35
N ILE C 76 6.71 -17.05 3.45
CA ILE C 76 6.14 -18.04 2.56
C ILE C 76 4.87 -18.61 3.16
N PRO C 77 3.73 -18.42 2.51
CA PRO C 77 2.46 -18.94 3.04
C PRO C 77 2.57 -20.42 3.37
N ARG C 78 1.56 -20.88 4.11
CA ARG C 78 1.46 -22.26 4.56
C ARG C 78 2.75 -22.94 4.95
N THR C 79 3.62 -22.24 5.70
CA THR C 79 4.86 -22.80 6.20
C THR C 79 4.80 -22.69 7.70
N TRP C 80 5.76 -23.35 8.37
CA TRP C 80 5.91 -23.39 9.82
C TRP C 80 7.40 -23.54 10.12
N TYR C 81 7.95 -22.62 10.89
CA TYR C 81 9.35 -22.72 11.19
C TYR C 81 9.59 -22.79 12.69
N GLU C 82 10.17 -23.90 13.10
CA GLU C 82 10.55 -24.22 14.48
C GLU C 82 10.19 -23.36 15.70
N ASP C 83 10.16 -22.06 15.52
CA ASP C 83 9.83 -21.15 16.60
C ASP C 83 8.30 -20.91 16.65
N GLY C 84 7.58 -21.43 15.66
CA GLY C 84 6.14 -21.19 15.53
C GLY C 84 5.84 -20.18 14.40
N ASP C 85 6.70 -19.14 14.29
CA ASP C 85 6.56 -18.14 13.24
C ASP C 85 6.63 -18.78 11.85
N PRO C 86 6.20 -18.03 10.83
CA PRO C 86 6.23 -18.53 9.45
C PRO C 86 7.69 -18.61 8.98
N PHE C 87 7.88 -18.78 7.67
CA PHE C 87 9.22 -18.84 7.13
C PHE C 87 9.56 -17.50 6.46
N ASP C 88 10.53 -16.78 7.03
CA ASP C 88 10.97 -15.50 6.50
C ASP C 88 11.80 -15.65 5.22
N ILE C 89 11.53 -14.76 4.28
CA ILE C 89 12.21 -14.74 3.01
C ILE C 89 12.59 -13.32 2.58
N MET C 90 13.84 -13.16 2.21
CA MET C 90 14.33 -11.86 1.78
C MET C 90 14.42 -11.90 0.27
N VAL C 91 13.59 -11.10 -0.40
CA VAL C 91 13.65 -11.01 -1.84
C VAL C 91 14.55 -9.83 -2.19
N ILE C 92 15.29 -9.96 -3.28
CA ILE C 92 16.18 -8.89 -3.68
C ILE C 92 15.47 -8.21 -4.82
N MET C 93 15.04 -6.97 -4.57
CA MET C 93 14.30 -6.19 -5.54
C MET C 93 15.04 -4.89 -5.83
N ARG C 94 14.87 -4.38 -7.06
CA ARG C 94 15.50 -3.13 -7.45
C ARG C 94 14.60 -2.01 -6.93
N GLU C 95 13.34 -2.03 -7.33
CA GLU C 95 12.35 -1.05 -6.90
C GLU C 95 11.52 -1.85 -5.94
N PRO C 96 11.33 -1.34 -4.72
CA PRO C 96 10.54 -2.02 -3.68
C PRO C 96 9.06 -2.11 -4.04
N THR C 97 8.39 -3.17 -3.59
CA THR C 97 6.95 -3.36 -3.86
C THR C 97 6.16 -2.67 -2.75
N TYR C 98 5.02 -3.26 -2.38
CA TYR C 98 4.13 -2.74 -1.34
C TYR C 98 3.77 -3.88 -0.39
N PRO C 99 3.71 -3.60 0.92
CA PRO C 99 3.35 -4.67 1.84
C PRO C 99 2.14 -5.38 1.24
N LEU C 100 2.10 -6.71 1.44
CA LEU C 100 1.04 -7.56 0.94
C LEU C 100 1.13 -7.79 -0.55
N THR C 101 2.32 -7.62 -1.09
CA THR C 101 2.55 -7.88 -2.50
C THR C 101 3.07 -9.35 -2.62
N ILE C 102 2.35 -10.17 -3.39
CA ILE C 102 2.76 -11.57 -3.61
C ILE C 102 3.79 -11.55 -4.76
N ILE C 103 5.00 -12.01 -4.48
CA ILE C 103 6.10 -12.06 -5.44
C ILE C 103 6.59 -13.49 -5.65
N GLU C 104 6.62 -13.95 -6.90
CA GLU C 104 7.10 -15.29 -7.22
C GLU C 104 8.60 -15.17 -7.10
N ALA C 105 9.13 -15.68 -5.99
CA ALA C 105 10.56 -15.63 -5.71
C ALA C 105 11.33 -16.82 -6.15
N ARG C 106 12.52 -17.01 -5.57
CA ARG C 106 13.35 -18.14 -5.97
C ARG C 106 14.61 -18.07 -5.16
N PRO C 107 14.66 -18.78 -4.03
CA PRO C 107 15.75 -18.88 -3.06
C PRO C 107 17.11 -19.29 -3.60
N ILE C 108 18.09 -18.40 -3.46
CA ILE C 108 19.42 -18.66 -3.96
C ILE C 108 20.38 -18.87 -2.78
N GLY C 109 19.84 -18.80 -1.57
CA GLY C 109 20.68 -18.93 -0.39
C GLY C 109 19.92 -18.93 0.93
N LEU C 110 20.65 -19.14 2.04
CA LEU C 110 20.07 -19.16 3.37
C LEU C 110 20.95 -18.35 4.32
N PHE C 111 20.33 -17.43 5.08
CA PHE C 111 21.10 -16.62 6.02
C PHE C 111 20.91 -17.10 7.44
N LYS C 112 21.98 -17.63 8.03
CA LYS C 112 21.96 -18.20 9.38
C LYS C 112 22.35 -17.25 10.47
N MET C 113 21.47 -17.10 11.45
CA MET C 113 21.72 -16.22 12.59
C MET C 113 20.82 -16.69 13.71
N ILE C 114 21.05 -16.14 14.91
CA ILE C 114 20.25 -16.50 16.07
C ILE C 114 19.95 -15.30 16.94
N ASP C 115 18.67 -14.93 17.02
CA ASP C 115 18.21 -13.78 17.80
C ASP C 115 18.46 -13.92 19.32
N SER C 116 19.32 -14.89 19.68
CA SER C 116 19.69 -15.22 21.07
C SER C 116 18.49 -15.94 21.68
N GLY C 117 18.42 -17.23 21.39
CA GLY C 117 17.32 -18.04 21.82
C GLY C 117 16.65 -18.48 20.54
N ASP C 118 16.92 -19.73 20.15
CA ASP C 118 16.35 -20.28 18.94
C ASP C 118 16.89 -19.55 17.71
N LYS C 119 17.46 -20.34 16.80
CA LYS C 119 18.03 -19.81 15.57
C LYS C 119 16.89 -19.23 14.73
N ASP C 120 17.16 -18.12 14.09
CA ASP C 120 16.20 -17.46 13.24
C ASP C 120 16.77 -17.40 11.84
N TYR C 121 16.37 -18.35 10.99
CA TYR C 121 16.89 -18.40 9.64
C TYR C 121 16.03 -17.71 8.58
N LYS C 122 16.68 -16.81 7.84
CA LYS C 122 16.04 -16.06 6.76
C LYS C 122 16.45 -16.71 5.45
N VAL C 123 15.57 -16.62 4.45
CA VAL C 123 15.78 -17.21 3.14
C VAL C 123 16.03 -16.22 2.02
N LEU C 124 17.29 -15.95 1.72
CA LEU C 124 17.63 -15.03 0.66
C LEU C 124 17.10 -15.60 -0.66
N ALA C 125 16.34 -14.77 -1.36
CA ALA C 125 15.72 -15.11 -2.64
C ALA C 125 15.91 -14.02 -3.71
N VAL C 126 15.48 -14.36 -4.93
CA VAL C 126 15.58 -13.47 -6.06
C VAL C 126 14.25 -13.61 -6.77
N PRO C 127 13.68 -12.48 -7.22
CA PRO C 127 12.39 -12.51 -7.91
C PRO C 127 12.54 -12.99 -9.30
N VAL C 128 11.56 -13.70 -9.82
CA VAL C 128 11.68 -14.09 -11.21
C VAL C 128 11.34 -12.78 -11.94
N GLU C 129 10.37 -12.86 -12.85
CA GLU C 129 9.92 -11.73 -13.65
C GLU C 129 10.76 -10.43 -13.65
N ASP C 130 12.07 -10.59 -13.48
CA ASP C 130 13.04 -9.51 -13.47
C ASP C 130 14.33 -10.07 -14.07
N PRO C 131 14.48 -9.99 -15.40
CA PRO C 131 15.68 -10.53 -16.05
C PRO C 131 16.99 -10.18 -15.37
N TYR C 132 17.02 -9.03 -14.70
CA TYR C 132 18.21 -8.59 -14.01
C TYR C 132 18.95 -9.67 -13.27
N PHE C 133 18.22 -10.54 -12.55
CA PHE C 133 18.87 -11.62 -11.78
C PHE C 133 18.76 -12.96 -12.49
N LYS C 134 18.52 -12.90 -13.80
CA LYS C 134 18.42 -14.08 -14.67
C LYS C 134 19.41 -15.18 -14.25
N ASP C 135 20.64 -14.79 -13.92
CA ASP C 135 21.69 -15.76 -13.55
C ASP C 135 22.07 -15.74 -12.07
N TRP C 136 21.06 -15.66 -11.22
CA TRP C 136 21.32 -15.67 -9.79
C TRP C 136 20.67 -16.91 -9.24
N LYS C 137 21.51 -17.88 -8.84
CA LYS C 137 21.03 -19.16 -8.28
C LYS C 137 21.67 -19.59 -6.93
N ASP C 138 22.86 -19.10 -6.58
CA ASP C 138 23.57 -19.41 -5.31
C ASP C 138 24.13 -18.10 -4.78
N ILE C 139 24.51 -18.10 -3.54
CA ILE C 139 25.09 -16.92 -2.92
C ILE C 139 26.41 -16.53 -3.59
N SER C 140 26.90 -17.41 -4.45
CA SER C 140 28.17 -17.16 -5.14
C SER C 140 27.94 -16.17 -6.25
N ASP C 141 26.70 -16.12 -6.74
CA ASP C 141 26.34 -15.19 -7.80
C ASP C 141 26.00 -13.82 -7.22
N VAL C 142 25.97 -13.74 -5.89
CA VAL C 142 25.65 -12.49 -5.20
C VAL C 142 26.88 -11.70 -4.76
N PRO C 143 27.02 -10.48 -5.29
CA PRO C 143 28.18 -9.72 -4.85
C PRO C 143 28.43 -9.82 -3.34
N LYS C 144 29.65 -10.22 -3.00
CA LYS C 144 30.09 -10.35 -1.61
C LYS C 144 29.63 -9.24 -0.68
N ALA C 145 30.12 -8.03 -0.93
CA ALA C 145 29.83 -6.87 -0.10
C ALA C 145 28.38 -6.76 0.27
N PHE C 146 27.53 -7.18 -0.68
CA PHE C 146 26.10 -7.06 -0.51
C PHE C 146 25.73 -8.02 0.56
N LEU C 147 26.11 -9.27 0.32
CA LEU C 147 25.83 -10.31 1.27
C LEU C 147 26.16 -9.75 2.64
N ASP C 148 27.34 -9.12 2.74
CA ASP C 148 27.80 -8.55 4.00
C ASP C 148 26.79 -7.54 4.51
N GLU C 149 26.56 -6.49 3.71
CA GLU C 149 25.61 -5.43 4.02
C GLU C 149 24.35 -6.04 4.68
N ILE C 150 23.92 -7.22 4.26
CA ILE C 150 22.80 -7.83 4.97
C ILE C 150 23.29 -8.30 6.35
N ALA C 151 24.27 -9.21 6.38
CA ALA C 151 24.81 -9.73 7.63
C ALA C 151 24.90 -8.68 8.71
N HIS C 152 25.53 -7.57 8.36
CA HIS C 152 25.72 -6.48 9.28
C HIS C 152 24.35 -6.02 9.76
N PHE C 153 23.43 -5.94 8.81
CA PHE C 153 22.07 -5.50 9.07
C PHE C 153 21.45 -6.15 10.28
N PHE C 154 21.29 -7.46 10.25
CA PHE C 154 20.71 -8.15 11.38
C PHE C 154 21.70 -8.17 12.56
N LYS C 155 23.00 -8.26 12.26
CA LYS C 155 23.94 -8.34 13.34
C LYS C 155 24.01 -7.02 14.03
N ARG C 156 23.16 -6.09 13.63
CA ARG C 156 23.26 -4.77 14.25
C ARG C 156 21.97 -3.94 14.45
N TYR C 157 20.88 -4.32 13.78
CA TYR C 157 19.67 -3.51 13.90
C TYR C 157 18.98 -3.45 15.26
N LYS C 158 18.77 -4.60 15.93
CA LYS C 158 18.15 -4.60 17.24
C LYS C 158 19.10 -4.25 18.40
N GLU C 159 20.41 -4.39 18.17
CA GLU C 159 21.39 -4.09 19.20
C GLU C 159 20.98 -2.95 20.11
N LEU C 160 20.70 -1.79 19.51
CA LEU C 160 20.29 -0.59 20.22
C LEU C 160 19.16 -0.88 21.19
N GLU C 161 18.23 -1.72 20.78
CA GLU C 161 17.10 -2.11 21.61
C GLU C 161 17.55 -3.06 22.73
N GLY C 162 18.80 -2.91 23.19
CA GLY C 162 19.33 -3.77 24.22
C GLY C 162 19.16 -5.25 23.92
N LYS C 163 19.51 -5.66 22.71
CA LYS C 163 19.41 -7.05 22.31
C LYS C 163 20.55 -7.45 21.39
N GLU C 164 20.97 -8.71 21.49
CA GLU C 164 22.06 -9.20 20.65
C GLU C 164 21.63 -10.29 19.70
N ILE C 165 22.46 -10.54 18.69
CA ILE C 165 22.16 -11.55 17.68
C ILE C 165 23.45 -12.19 17.16
N ILE C 166 23.45 -13.52 17.09
CA ILE C 166 24.62 -14.26 16.63
C ILE C 166 24.50 -14.56 15.14
N VAL C 167 25.32 -13.86 14.35
CA VAL C 167 25.31 -14.06 12.90
C VAL C 167 26.48 -14.92 12.48
N GLU C 168 26.18 -16.19 12.14
CA GLU C 168 27.21 -17.13 11.71
C GLU C 168 27.72 -16.70 10.33
N GLY C 169 26.97 -17.10 9.31
CA GLY C 169 27.33 -16.76 7.95
C GLY C 169 26.23 -17.20 7.02
N TRP C 170 26.58 -17.44 5.77
CA TRP C 170 25.62 -17.86 4.77
C TRP C 170 25.79 -19.32 4.36
N GLU C 171 24.71 -19.89 3.82
CA GLU C 171 24.72 -21.25 3.35
C GLU C 171 24.14 -21.24 1.93
N GLY C 172 24.51 -22.26 1.16
CA GLY C 172 24.09 -22.36 -0.22
C GLY C 172 22.62 -22.30 -0.51
N ALA C 173 22.27 -22.46 -1.78
CA ALA C 173 20.90 -22.44 -2.27
C ALA C 173 20.21 -23.74 -1.91
N GLU C 174 20.82 -24.85 -2.28
CA GLU C 174 20.23 -26.13 -1.91
C GLU C 174 20.04 -26.19 -0.38
N ALA C 175 20.98 -25.62 0.34
CA ALA C 175 20.96 -25.59 1.80
C ALA C 175 19.62 -24.98 2.21
N ALA C 176 19.38 -23.78 1.69
CA ALA C 176 18.16 -23.03 1.91
C ALA C 176 16.96 -23.85 1.45
N LYS C 177 17.01 -24.35 0.22
CA LYS C 177 15.93 -25.15 -0.31
C LYS C 177 15.64 -26.36 0.58
N ARG C 178 16.59 -26.74 1.42
CA ARG C 178 16.39 -27.87 2.34
C ARG C 178 15.51 -27.46 3.55
N GLU C 179 16.01 -26.51 4.32
CA GLU C 179 15.28 -26.04 5.47
C GLU C 179 13.90 -25.60 5.02
N ILE C 180 13.77 -25.31 3.73
CA ILE C 180 12.50 -24.84 3.24
C ILE C 180 11.49 -25.99 3.16
N LEU C 181 11.72 -27.01 2.32
CA LEU C 181 10.71 -28.01 2.22
C LEU C 181 10.41 -28.68 3.53
N ARG C 182 11.25 -28.40 4.48
CA ARG C 182 11.08 -28.94 5.82
C ARG C 182 9.83 -28.27 6.23
N ALA C 183 9.97 -26.99 6.55
CA ALA C 183 8.88 -26.14 7.02
C ALA C 183 7.57 -26.13 6.21
N ILE C 184 7.70 -26.22 4.91
CA ILE C 184 6.53 -26.24 4.06
C ILE C 184 5.71 -27.50 4.35
N GLU C 185 6.37 -28.55 4.84
CA GLU C 185 5.73 -29.85 5.14
C GLU C 185 5.42 -29.97 6.63
N MET C 186 6.33 -29.42 7.44
CA MET C 186 6.18 -29.41 8.88
C MET C 186 4.87 -28.71 9.26
N TYR C 187 3.75 -29.40 9.09
CA TYR C 187 2.46 -28.83 9.44
C TYR C 187 1.41 -29.93 9.80
#